data_1EDG
#
_entry.id   1EDG
#
_cell.length_a   52.400
_cell.length_b   76.200
_cell.length_c   113.500
_cell.angle_alpha   90.00
_cell.angle_beta   90.00
_cell.angle_gamma   90.00
#
_symmetry.space_group_name_H-M   'P 21 21 21'
#
loop_
_entity.id
_entity.type
_entity.pdbx_description
1 polymer 'ENDOGLUCANASE A'
2 water water
#
_entity_poly.entity_id   1
_entity_poly.type   'polypeptide(L)'
_entity_poly.pdbx_seq_one_letter_code
;MYDASLIPNLQIPQKNIPNNDGMNFVKGLRLGWNLGNTFDAFNGTNITNELDYETSWSGIKTTKQMIDAIKQKGFNTVRI
PVSWHPHVSGSDYKISDVWMNRVQEVVNYCIDNKMYVILNTHHDVDKVKGYFPSSQYMASSKKYITSVWAQIAARFANYD
EHLIFEGMNEPRLVGHANEWWPELTNSDVVDSINCINQLNQDFVNTVRATGGKNASRYLMCPGYVASPDGATNDYFRMPN
DISGNNNKIIVSVHAYCPWNFAGLAMADGGTNAWNINDSKDQSEVTWFMDNIYNKYTSRGIPVIIGECGAVDKNNLKTRV
EYMSYYVAQAKARGILCILWDNNNFSGTGELFGFFDRRSCQFKFPEIIDGMVKYAFGLIN
;
_entity_poly.pdbx_strand_id   A
#
# COMPACT_ATOMS: atom_id res chain seq x y z
N MET A 1 21.30 21.61 7.57
CA MET A 1 20.30 22.66 7.30
C MET A 1 19.49 22.19 6.10
N TYR A 2 18.26 22.66 6.02
CA TYR A 2 17.37 22.35 4.92
C TYR A 2 17.97 22.91 3.62
N ASP A 3 18.07 22.09 2.59
CA ASP A 3 18.63 22.52 1.31
C ASP A 3 17.60 22.34 0.20
N ALA A 4 16.84 23.40 -0.07
CA ALA A 4 15.81 23.36 -1.10
C ALA A 4 16.38 23.19 -2.53
N SER A 5 17.66 23.48 -2.71
CA SER A 5 18.26 23.36 -4.04
C SER A 5 18.40 21.91 -4.53
N LEU A 6 18.18 20.95 -3.63
CA LEU A 6 18.29 19.54 -4.00
C LEU A 6 17.13 19.05 -4.86
N ILE A 7 15.98 19.68 -4.72
CA ILE A 7 14.78 19.32 -5.47
C ILE A 7 14.92 19.69 -6.96
N PRO A 8 14.81 18.70 -7.86
CA PRO A 8 14.93 18.94 -9.29
C PRO A 8 13.75 19.71 -9.87
N ASN A 9 14.00 20.45 -10.95
CA ASN A 9 12.97 21.22 -11.62
C ASN A 9 12.51 20.36 -12.77
N LEU A 10 11.31 19.80 -12.65
CA LEU A 10 10.76 18.91 -13.67
C LEU A 10 9.50 19.45 -14.33
N GLN A 11 9.37 19.20 -15.63
CA GLN A 11 8.21 19.62 -16.40
C GLN A 11 7.78 18.42 -17.25
N ILE A 12 7.19 17.43 -16.61
CA ILE A 12 6.74 16.21 -17.30
C ILE A 12 5.35 16.42 -17.90
N PRO A 13 5.20 16.16 -19.20
CA PRO A 13 3.93 16.32 -19.91
C PRO A 13 2.84 15.41 -19.34
N GLN A 14 1.67 15.97 -19.08
CA GLN A 14 0.53 15.22 -18.55
C GLN A 14 -0.09 14.38 -19.68
N LYS A 15 -0.35 13.11 -19.40
CA LYS A 15 -0.96 12.23 -20.39
C LYS A 15 -2.47 12.30 -20.28
N ASN A 16 -3.18 11.90 -21.33
CA ASN A 16 -4.64 11.94 -21.31
C ASN A 16 -5.24 10.91 -20.37
N ILE A 17 -6.09 11.37 -19.47
CA ILE A 17 -6.77 10.52 -18.50
C ILE A 17 -8.25 10.90 -18.53
N PRO A 18 -9.15 9.91 -18.61
CA PRO A 18 -10.61 10.16 -18.64
C PRO A 18 -11.10 10.91 -17.41
N ASN A 19 -12.01 11.85 -17.62
CA ASN A 19 -12.58 12.64 -16.53
C ASN A 19 -13.79 11.89 -15.97
N ASN A 20 -13.54 10.86 -15.15
CA ASN A 20 -14.63 10.11 -14.56
C ASN A 20 -14.51 10.09 -13.04
N ASP A 21 -15.52 9.55 -12.36
CA ASP A 21 -15.53 9.49 -10.90
C ASP A 21 -14.34 8.79 -10.29
N GLY A 22 -13.98 7.63 -10.86
CA GLY A 22 -12.85 6.86 -10.35
C GLY A 22 -11.53 7.58 -10.37
N MET A 23 -11.16 8.15 -11.53
CA MET A 23 -9.89 8.86 -11.66
C MET A 23 -9.89 10.14 -10.82
N ASN A 24 -11.04 10.80 -10.70
CA ASN A 24 -11.13 12.02 -9.91
C ASN A 24 -11.03 11.69 -8.41
N PHE A 25 -11.54 10.53 -8.02
CA PHE A 25 -11.47 10.09 -6.62
C PHE A 25 -9.99 9.96 -6.24
N VAL A 26 -9.22 9.27 -7.08
CA VAL A 26 -7.80 9.07 -6.84
C VAL A 26 -7.02 10.40 -6.75
N LYS A 27 -7.34 11.36 -7.61
CA LYS A 27 -6.69 12.65 -7.57
C LYS A 27 -6.90 13.29 -6.20
N GLY A 28 -8.10 13.12 -5.63
CA GLY A 28 -8.41 13.68 -4.33
C GLY A 28 -7.59 13.11 -3.20
N LEU A 29 -7.11 11.88 -3.34
CA LEU A 29 -6.28 11.25 -2.32
C LEU A 29 -4.94 11.97 -2.22
N ARG A 30 -4.55 12.60 -3.33
CA ARG A 30 -3.34 13.41 -3.49
C ARG A 30 -1.95 12.77 -3.34
N LEU A 31 -1.65 12.28 -2.14
CA LEU A 31 -0.36 11.65 -1.83
C LEU A 31 -0.59 10.92 -0.51
N GLY A 32 -0.06 9.72 -0.37
CA GLY A 32 -0.27 8.98 0.86
C GLY A 32 0.96 8.62 1.67
N TRP A 33 0.73 8.20 2.91
CA TRP A 33 1.80 7.81 3.82
C TRP A 33 1.36 6.52 4.52
N ASN A 34 2.30 5.57 4.66
CA ASN A 34 2.03 4.30 5.33
C ASN A 34 2.43 4.33 6.80
N LEU A 35 1.55 3.82 7.67
CA LEU A 35 1.84 3.71 9.11
C LEU A 35 2.58 2.35 9.17
N GLY A 36 3.80 2.31 8.65
CA GLY A 36 4.57 1.08 8.58
C GLY A 36 5.11 0.48 9.85
N ASN A 37 5.32 -0.84 9.82
CA ASN A 37 5.85 -1.62 10.95
C ASN A 37 5.13 -1.33 12.27
N THR A 38 3.81 -1.13 12.19
CA THR A 38 3.00 -0.84 13.36
C THR A 38 1.98 -1.95 13.61
N PHE A 39 0.73 -1.78 13.17
CA PHE A 39 -0.28 -2.82 13.37
C PHE A 39 -0.01 -4.08 12.53
N ASP A 40 0.96 -3.98 11.61
CA ASP A 40 1.37 -5.08 10.75
C ASP A 40 2.40 -6.02 11.40
N ALA A 41 2.91 -5.64 12.56
CA ALA A 41 3.88 -6.47 13.27
C ALA A 41 3.18 -7.77 13.71
N PHE A 42 3.83 -8.91 13.52
CA PHE A 42 3.23 -10.18 13.89
C PHE A 42 4.09 -11.04 14.82
N ASN A 43 5.19 -10.48 15.31
CA ASN A 43 6.07 -11.19 16.22
C ASN A 43 6.90 -10.15 16.98
N GLY A 44 7.74 -10.62 17.90
CA GLY A 44 8.56 -9.69 18.66
C GLY A 44 9.37 -10.36 19.75
N THR A 45 10.37 -9.64 20.25
CA THR A 45 11.24 -10.15 21.30
C THR A 45 10.58 -10.10 22.68
N ASN A 46 9.86 -9.02 22.96
CA ASN A 46 9.20 -8.89 24.25
C ASN A 46 7.79 -8.35 24.15
N ILE A 47 6.87 -9.25 23.84
CA ILE A 47 5.46 -8.90 23.73
C ILE A 47 4.82 -9.50 24.96
N THR A 48 4.29 -8.65 25.84
CA THR A 48 3.66 -9.17 27.04
C THR A 48 2.18 -9.39 26.84
N ASN A 49 1.52 -8.51 26.08
CA ASN A 49 0.10 -8.64 25.80
C ASN A 49 -0.15 -8.38 24.31
N GLU A 50 -1.37 -8.60 23.84
CA GLU A 50 -1.66 -8.41 22.41
C GLU A 50 -1.50 -6.98 21.88
N LEU A 51 -1.78 -5.98 22.71
CA LEU A 51 -1.65 -4.59 22.28
C LEU A 51 -0.20 -4.17 22.04
N ASP A 52 0.74 -4.91 22.60
CA ASP A 52 2.17 -4.62 22.42
C ASP A 52 2.60 -4.81 20.98
N TYR A 53 1.77 -5.48 20.17
CA TYR A 53 2.11 -5.68 18.77
C TYR A 53 2.29 -4.34 18.06
N GLU A 54 1.54 -3.33 18.49
CA GLU A 54 1.63 -1.99 17.89
C GLU A 54 3.01 -1.35 18.03
N THR A 55 3.66 -1.58 19.17
CA THR A 55 4.97 -1.00 19.44
C THR A 55 6.12 -1.99 19.23
N SER A 56 5.79 -3.26 19.03
CA SER A 56 6.78 -4.31 18.84
C SER A 56 7.90 -3.97 17.85
N TRP A 57 7.53 -3.54 16.64
CA TRP A 57 8.51 -3.18 15.63
C TRP A 57 8.72 -1.67 15.51
N SER A 58 7.67 -0.91 15.78
CA SER A 58 7.73 0.55 15.68
C SER A 58 8.46 1.22 16.83
N GLY A 59 8.25 0.69 18.03
CA GLY A 59 8.89 1.23 19.22
C GLY A 59 8.16 2.40 19.87
N ILE A 60 6.96 2.72 19.39
CA ILE A 60 6.21 3.84 19.94
C ILE A 60 4.74 3.75 19.58
N LYS A 61 3.87 4.13 20.52
CA LYS A 61 2.42 4.10 20.30
C LYS A 61 1.97 5.31 19.49
N THR A 62 1.12 5.06 18.50
CA THR A 62 0.60 6.10 17.62
C THR A 62 -0.28 7.10 18.35
N THR A 63 -0.10 8.39 18.05
CA THR A 63 -0.91 9.44 18.67
C THR A 63 -1.54 10.34 17.60
N LYS A 64 -2.55 11.11 17.99
CA LYS A 64 -3.23 12.02 17.08
C LYS A 64 -2.26 13.09 16.54
N GLN A 65 -1.39 13.59 17.41
CA GLN A 65 -0.41 14.60 17.02
C GLN A 65 0.45 14.16 15.83
N MET A 66 0.81 12.87 15.81
CA MET A 66 1.60 12.33 14.71
C MET A 66 0.87 12.50 13.39
N ILE A 67 -0.41 12.12 13.38
CA ILE A 67 -1.26 12.20 12.19
C ILE A 67 -1.48 13.67 11.80
N ASP A 68 -1.64 14.55 12.79
CA ASP A 68 -1.83 15.98 12.52
C ASP A 68 -0.64 16.49 11.72
N ALA A 69 0.57 16.08 12.10
CA ALA A 69 1.79 16.50 11.44
C ALA A 69 1.87 16.01 9.98
N ILE A 70 1.46 14.77 9.77
CA ILE A 70 1.47 14.18 8.43
C ILE A 70 0.57 14.98 7.50
N LYS A 71 -0.64 15.29 7.97
CA LYS A 71 -1.59 16.07 7.18
C LYS A 71 -1.05 17.47 6.87
N GLN A 72 -0.48 18.10 7.89
CA GLN A 72 0.08 19.43 7.74
C GLN A 72 1.12 19.50 6.62
N LYS A 73 1.85 18.42 6.40
CA LYS A 73 2.86 18.37 5.36
C LYS A 73 2.29 18.36 3.95
N GLY A 74 1.08 17.85 3.80
CA GLY A 74 0.47 17.79 2.47
C GLY A 74 -0.12 16.44 2.10
N PHE A 75 0.16 15.42 2.91
CA PHE A 75 -0.38 14.08 2.65
C PHE A 75 -1.89 14.13 2.91
N ASN A 76 -2.69 13.46 2.08
CA ASN A 76 -4.12 13.45 2.31
C ASN A 76 -4.69 12.02 2.47
N THR A 77 -3.79 11.04 2.51
CA THR A 77 -4.20 9.65 2.65
C THR A 77 -3.23 8.90 3.56
N VAL A 78 -3.77 8.09 4.47
CA VAL A 78 -2.92 7.27 5.33
C VAL A 78 -3.31 5.81 5.11
N ARG A 79 -2.33 4.97 4.80
CA ARG A 79 -2.62 3.55 4.66
C ARG A 79 -2.21 2.94 6.00
N ILE A 80 -3.09 2.12 6.54
CA ILE A 80 -2.85 1.48 7.83
C ILE A 80 -2.78 -0.05 7.67
N PRO A 81 -1.55 -0.58 7.51
CA PRO A 81 -1.34 -2.03 7.36
C PRO A 81 -1.71 -2.74 8.65
N VAL A 82 -2.50 -3.81 8.57
CA VAL A 82 -2.87 -4.56 9.77
C VAL A 82 -2.73 -6.06 9.58
N SER A 83 -1.98 -6.72 10.45
CA SER A 83 -1.83 -8.16 10.41
C SER A 83 -2.80 -8.68 11.47
N TRP A 84 -3.93 -9.23 11.02
CA TRP A 84 -4.96 -9.71 11.92
C TRP A 84 -4.77 -11.11 12.50
N HIS A 85 -3.99 -11.95 11.86
CA HIS A 85 -3.82 -13.33 12.31
C HIS A 85 -3.43 -13.58 13.78
N PRO A 86 -2.59 -12.72 14.38
CA PRO A 86 -2.29 -13.03 15.79
C PRO A 86 -3.38 -12.52 16.75
N HIS A 87 -4.47 -12.01 16.20
CA HIS A 87 -5.57 -11.47 17.00
C HIS A 87 -6.92 -12.13 16.68
N VAL A 88 -6.83 -13.31 16.08
CA VAL A 88 -8.00 -14.08 15.68
C VAL A 88 -8.03 -15.42 16.45
N SER A 89 -9.23 -15.91 16.78
CA SER A 89 -9.38 -17.18 17.49
C SER A 89 -10.60 -17.97 17.04
N GLY A 90 -10.57 -19.27 17.26
CA GLY A 90 -11.68 -20.12 16.89
C GLY A 90 -11.78 -20.46 15.41
N SER A 91 -12.67 -21.39 15.10
CA SER A 91 -12.87 -21.84 13.73
C SER A 91 -13.51 -20.73 12.90
N ASP A 92 -14.11 -19.76 13.59
CA ASP A 92 -14.77 -18.64 12.94
C ASP A 92 -13.87 -17.40 12.80
N TYR A 93 -12.61 -17.53 13.22
CA TYR A 93 -11.65 -16.44 13.14
C TYR A 93 -12.17 -15.13 13.74
N LYS A 94 -12.72 -15.21 14.95
CA LYS A 94 -13.26 -14.04 15.64
C LYS A 94 -12.12 -13.08 16.00
N ILE A 95 -12.27 -11.82 15.63
CA ILE A 95 -11.27 -10.80 15.91
C ILE A 95 -11.44 -10.24 17.31
N SER A 96 -10.35 -10.17 18.06
CA SER A 96 -10.37 -9.63 19.41
C SER A 96 -10.92 -8.20 19.41
N ASP A 97 -11.88 -7.92 20.28
CA ASP A 97 -12.46 -6.58 20.38
C ASP A 97 -11.44 -5.54 20.86
N VAL A 98 -10.48 -5.99 21.67
CA VAL A 98 -9.45 -5.09 22.19
C VAL A 98 -8.60 -4.56 21.04
N TRP A 99 -8.26 -5.46 20.12
CA TRP A 99 -7.46 -5.09 18.95
C TRP A 99 -8.28 -4.22 18.00
N MET A 100 -9.52 -4.63 17.75
CA MET A 100 -10.40 -3.88 16.85
C MET A 100 -10.62 -2.45 17.34
N ASN A 101 -10.84 -2.29 18.65
CA ASN A 101 -11.05 -0.97 19.23
C ASN A 101 -9.86 -0.04 19.01
N ARG A 102 -8.66 -0.55 19.21
CA ARG A 102 -7.45 0.24 19.04
C ARG A 102 -7.26 0.63 17.57
N VAL A 103 -7.50 -0.30 16.65
CA VAL A 103 -7.36 -0.02 15.23
C VAL A 103 -8.33 1.11 14.85
N GLN A 104 -9.56 1.03 15.32
CA GLN A 104 -10.56 2.06 15.02
C GLN A 104 -10.16 3.42 15.59
N GLU A 105 -9.46 3.43 16.71
CA GLU A 105 -9.01 4.65 17.36
C GLU A 105 -8.06 5.39 16.40
N VAL A 106 -7.08 4.67 15.87
CA VAL A 106 -6.11 5.23 14.94
C VAL A 106 -6.76 5.65 13.62
N VAL A 107 -7.74 4.87 13.16
CA VAL A 107 -8.48 5.19 11.94
C VAL A 107 -9.15 6.56 12.16
N ASN A 108 -9.75 6.73 13.33
CA ASN A 108 -10.43 7.96 13.67
C ASN A 108 -9.51 9.18 13.70
N TYR A 109 -8.24 8.99 14.06
CA TYR A 109 -7.28 10.09 14.06
C TYR A 109 -7.25 10.69 12.65
N CYS A 110 -7.21 9.80 11.66
CA CYS A 110 -7.15 10.19 10.25
C CYS A 110 -8.48 10.74 9.71
N ILE A 111 -9.58 10.04 10.00
CA ILE A 111 -10.90 10.47 9.57
C ILE A 111 -11.25 11.85 10.13
N ASP A 112 -10.89 12.10 11.39
CA ASP A 112 -11.19 13.38 12.01
C ASP A 112 -10.39 14.52 11.38
N ASN A 113 -9.31 14.17 10.69
CA ASN A 113 -8.47 15.15 10.00
C ASN A 113 -8.93 15.28 8.54
N LYS A 114 -10.12 14.79 8.23
CA LYS A 114 -10.70 14.84 6.88
C LYS A 114 -9.82 14.15 5.85
N MET A 115 -9.05 13.15 6.29
CA MET A 115 -8.16 12.41 5.39
C MET A 115 -8.81 11.13 4.90
N TYR A 116 -8.20 10.53 3.90
CA TYR A 116 -8.66 9.26 3.36
C TYR A 116 -7.83 8.17 4.06
N VAL A 117 -8.44 7.01 4.30
CA VAL A 117 -7.74 5.92 4.96
C VAL A 117 -7.89 4.61 4.21
N ILE A 118 -6.81 3.84 4.14
CA ILE A 118 -6.85 2.53 3.51
C ILE A 118 -6.57 1.51 4.60
N LEU A 119 -7.51 0.60 4.83
CA LEU A 119 -7.38 -0.46 5.84
C LEU A 119 -7.22 -1.77 5.06
N ASN A 120 -6.27 -2.62 5.45
CA ASN A 120 -6.06 -3.88 4.74
C ASN A 120 -5.82 -5.07 5.67
N THR A 121 -5.44 -6.20 5.08
CA THR A 121 -4.97 -7.36 5.85
C THR A 121 -3.54 -7.33 5.32
N HIS A 122 -2.55 -7.52 6.19
CA HIS A 122 -1.16 -7.44 5.77
C HIS A 122 -0.39 -8.76 5.80
N HIS A 123 0.39 -8.99 6.84
CA HIS A 123 1.19 -10.22 6.93
C HIS A 123 0.32 -11.37 7.45
N ASP A 124 -0.68 -11.73 6.65
CA ASP A 124 -1.60 -12.80 7.01
C ASP A 124 -1.53 -14.01 6.09
N VAL A 125 -0.45 -14.12 5.33
CA VAL A 125 -0.23 -15.27 4.45
C VAL A 125 0.41 -16.30 5.36
N ASP A 126 -0.39 -17.25 5.83
CA ASP A 126 0.07 -18.29 6.74
C ASP A 126 -0.89 -19.48 6.58
N LYS A 127 -0.34 -20.64 6.23
CA LYS A 127 -1.15 -21.84 6.01
C LYS A 127 -2.07 -22.25 7.16
N VAL A 128 -1.58 -22.08 8.39
CA VAL A 128 -2.34 -22.47 9.57
C VAL A 128 -3.27 -21.40 10.13
N LYS A 129 -2.71 -20.21 10.35
CA LYS A 129 -3.45 -19.11 10.95
C LYS A 129 -4.17 -18.13 10.02
N GLY A 130 -3.73 -18.04 8.75
CA GLY A 130 -4.37 -17.11 7.84
C GLY A 130 -4.76 -17.76 6.52
N TYR A 131 -4.36 -17.15 5.41
CA TYR A 131 -4.67 -17.70 4.09
C TYR A 131 -3.36 -18.02 3.36
N PHE A 132 -3.45 -18.83 2.32
CA PHE A 132 -2.29 -19.21 1.51
C PHE A 132 -2.88 -19.44 0.13
N PRO A 133 -2.46 -18.65 -0.86
CA PRO A 133 -2.94 -18.73 -2.24
C PRO A 133 -2.52 -19.93 -3.10
N SER A 134 -3.03 -21.11 -2.77
CA SER A 134 -2.77 -22.31 -3.54
C SER A 134 -4.01 -23.18 -3.37
N SER A 135 -4.31 -24.00 -4.37
CA SER A 135 -5.50 -24.85 -4.33
C SER A 135 -5.69 -25.72 -3.10
N GLN A 136 -4.60 -26.30 -2.59
CA GLN A 136 -4.71 -27.15 -1.42
C GLN A 136 -5.23 -26.40 -0.20
N TYR A 137 -5.00 -25.09 -0.17
CA TYR A 137 -5.44 -24.28 0.95
C TYR A 137 -6.63 -23.36 0.71
N MET A 138 -7.38 -23.60 -0.36
CA MET A 138 -8.54 -22.75 -0.66
C MET A 138 -9.65 -22.75 0.38
N ALA A 139 -9.91 -23.90 0.99
CA ALA A 139 -10.96 -24.00 2.00
C ALA A 139 -10.74 -23.07 3.18
N SER A 140 -9.58 -23.16 3.81
CA SER A 140 -9.27 -22.31 4.95
C SER A 140 -9.08 -20.85 4.53
N SER A 141 -8.46 -20.65 3.37
CA SER A 141 -8.21 -19.29 2.85
C SER A 141 -9.52 -18.54 2.66
N LYS A 142 -10.50 -19.18 2.04
CA LYS A 142 -11.80 -18.56 1.82
C LYS A 142 -12.46 -18.24 3.15
N LYS A 143 -12.37 -19.16 4.10
CA LYS A 143 -12.98 -18.94 5.41
C LYS A 143 -12.33 -17.75 6.11
N TYR A 144 -11.01 -17.65 6.01
CA TYR A 144 -10.29 -16.55 6.63
C TYR A 144 -10.69 -15.19 6.06
N ILE A 145 -10.57 -15.06 4.74
CA ILE A 145 -10.91 -13.82 4.04
C ILE A 145 -12.36 -13.39 4.27
N THR A 146 -13.30 -14.31 4.14
CA THR A 146 -14.71 -13.97 4.33
C THR A 146 -15.08 -13.63 5.78
N SER A 147 -14.52 -14.38 6.74
CA SER A 147 -14.82 -14.13 8.15
C SER A 147 -14.26 -12.79 8.63
N VAL A 148 -12.99 -12.57 8.34
CA VAL A 148 -12.30 -11.34 8.73
C VAL A 148 -12.94 -10.11 8.08
N TRP A 149 -13.20 -10.19 6.78
CA TRP A 149 -13.80 -9.05 6.11
C TRP A 149 -15.24 -8.77 6.49
N ALA A 150 -15.99 -9.81 6.87
CA ALA A 150 -17.37 -9.59 7.30
C ALA A 150 -17.34 -8.79 8.60
N GLN A 151 -16.38 -9.10 9.46
CA GLN A 151 -16.24 -8.41 10.73
C GLN A 151 -15.76 -6.96 10.56
N ILE A 152 -14.75 -6.76 9.73
CA ILE A 152 -14.24 -5.42 9.49
C ILE A 152 -15.33 -4.55 8.86
N ALA A 153 -16.04 -5.11 7.88
CA ALA A 153 -17.12 -4.39 7.22
C ALA A 153 -18.21 -3.99 8.22
N ALA A 154 -18.56 -4.88 9.13
CA ALA A 154 -19.60 -4.59 10.12
C ALA A 154 -19.18 -3.49 11.08
N ARG A 155 -17.93 -3.52 11.52
CA ARG A 155 -17.44 -2.52 12.46
C ARG A 155 -17.39 -1.12 11.85
N PHE A 156 -16.94 -1.03 10.61
CA PHE A 156 -16.81 0.27 9.94
C PHE A 156 -17.94 0.60 8.96
N ALA A 157 -19.10 -0.01 9.18
CA ALA A 157 -20.27 0.18 8.32
C ALA A 157 -20.72 1.63 8.10
N ASN A 158 -20.54 2.47 9.10
CA ASN A 158 -20.97 3.87 9.03
C ASN A 158 -19.99 4.86 8.42
N TYR A 159 -18.78 4.41 8.07
CA TYR A 159 -17.80 5.31 7.49
C TYR A 159 -18.10 5.48 6.00
N ASP A 160 -17.98 6.71 5.50
CA ASP A 160 -18.25 6.98 4.09
C ASP A 160 -17.06 6.68 3.18
N GLU A 161 -17.11 7.20 1.94
CA GLU A 161 -16.06 6.96 0.95
C GLU A 161 -14.63 7.31 1.35
N HIS A 162 -14.47 8.00 2.47
CA HIS A 162 -13.13 8.34 2.95
C HIS A 162 -12.37 7.08 3.39
N LEU A 163 -13.10 6.01 3.69
CA LEU A 163 -12.49 4.74 4.11
C LEU A 163 -12.51 3.75 2.96
N ILE A 164 -11.33 3.26 2.59
CA ILE A 164 -11.12 2.31 1.49
C ILE A 164 -10.62 0.99 2.08
N PHE A 165 -11.11 -0.14 1.56
CA PHE A 165 -10.69 -1.46 2.04
C PHE A 165 -9.77 -2.11 1.01
N GLU A 166 -8.65 -2.64 1.47
CA GLU A 166 -7.67 -3.33 0.61
C GLU A 166 -7.69 -4.79 1.12
N GLY A 167 -8.33 -5.66 0.36
CA GLY A 167 -8.48 -7.05 0.74
C GLY A 167 -7.26 -7.81 1.20
N MET A 168 -6.20 -7.79 0.38
CA MET A 168 -4.95 -8.48 0.69
C MET A 168 -3.78 -7.56 0.35
N ASN A 169 -2.63 -7.83 0.96
CA ASN A 169 -1.42 -7.03 0.74
C ASN A 169 -0.57 -7.53 -0.42
N GLU A 170 0.26 -8.53 -0.16
CA GLU A 170 1.13 -9.12 -1.19
C GLU A 170 0.93 -10.64 -1.21
N PRO A 171 -0.27 -11.11 -1.61
CA PRO A 171 -0.54 -12.56 -1.65
C PRO A 171 0.50 -13.24 -2.54
N ARG A 172 1.12 -14.29 -2.03
CA ARG A 172 2.17 -14.97 -2.78
C ARG A 172 2.43 -16.35 -2.19
N LEU A 173 3.30 -17.12 -2.85
CA LEU A 173 3.66 -18.45 -2.38
C LEU A 173 4.88 -18.34 -1.47
N VAL A 174 4.64 -18.06 -0.19
CA VAL A 174 5.73 -17.92 0.78
C VAL A 174 6.55 -19.20 0.83
N GLY A 175 7.86 -19.06 0.74
CA GLY A 175 8.74 -20.22 0.77
C GLY A 175 9.09 -20.75 -0.61
N HIS A 176 8.21 -20.51 -1.58
CA HIS A 176 8.42 -20.98 -2.95
C HIS A 176 9.57 -20.21 -3.61
N ALA A 177 10.16 -20.82 -4.64
CA ALA A 177 11.26 -20.20 -5.38
C ALA A 177 10.80 -18.92 -6.08
N ASN A 178 9.55 -18.88 -6.48
CA ASN A 178 8.98 -17.71 -7.16
C ASN A 178 8.08 -16.92 -6.23
N GLU A 179 8.48 -16.83 -4.96
CA GLU A 179 7.71 -16.09 -3.97
C GLU A 179 7.63 -14.59 -4.30
N TRP A 180 8.72 -14.03 -4.81
CA TRP A 180 8.78 -12.60 -5.09
C TRP A 180 8.57 -12.12 -6.52
N TRP A 181 8.15 -13.00 -7.41
CA TRP A 181 7.90 -12.60 -8.79
C TRP A 181 7.07 -13.65 -9.52
N PRO A 182 6.03 -13.20 -10.24
CA PRO A 182 5.16 -14.11 -10.99
C PRO A 182 5.77 -14.67 -12.27
N GLU A 183 6.51 -15.77 -12.14
CA GLU A 183 7.11 -16.42 -13.31
C GLU A 183 5.99 -17.22 -13.95
N LEU A 184 5.36 -16.65 -14.97
CA LEU A 184 4.22 -17.28 -15.65
C LEU A 184 4.41 -18.66 -16.27
N THR A 185 5.64 -19.16 -16.31
CA THR A 185 5.90 -20.48 -16.86
C THR A 185 5.69 -21.53 -15.78
N ASN A 186 5.88 -21.13 -14.52
CA ASN A 186 5.74 -22.03 -13.40
C ASN A 186 4.28 -22.39 -13.11
N SER A 187 4.02 -23.68 -13.10
CA SER A 187 2.68 -24.23 -12.84
C SER A 187 2.11 -23.76 -11.49
N ASP A 188 2.95 -23.76 -10.47
CA ASP A 188 2.52 -23.35 -9.13
C ASP A 188 2.06 -21.89 -9.08
N VAL A 189 2.77 -20.99 -9.77
CA VAL A 189 2.37 -19.59 -9.75
C VAL A 189 1.06 -19.34 -10.48
N VAL A 190 0.83 -20.04 -11.58
CA VAL A 190 -0.42 -19.87 -12.32
C VAL A 190 -1.60 -20.30 -11.45
N ASP A 191 -1.42 -21.38 -10.71
CA ASP A 191 -2.46 -21.86 -9.80
C ASP A 191 -2.70 -20.76 -8.75
N SER A 192 -1.61 -20.19 -8.23
CA SER A 192 -1.67 -19.14 -7.22
C SER A 192 -2.44 -17.91 -7.75
N ILE A 193 -2.14 -17.49 -8.97
CA ILE A 193 -2.80 -16.34 -9.60
C ILE A 193 -4.31 -16.58 -9.68
N ASN A 194 -4.70 -17.79 -10.05
CA ASN A 194 -6.12 -18.12 -10.15
C ASN A 194 -6.76 -18.08 -8.75
N CYS A 195 -6.03 -18.59 -7.76
CA CYS A 195 -6.52 -18.58 -6.38
C CYS A 195 -6.69 -17.14 -5.89
N ILE A 196 -5.75 -16.27 -6.27
CA ILE A 196 -5.81 -14.86 -5.88
C ILE A 196 -7.03 -14.19 -6.53
N ASN A 197 -7.33 -14.56 -7.77
CA ASN A 197 -8.51 -14.01 -8.45
C ASN A 197 -9.76 -14.41 -7.66
N GLN A 198 -9.80 -15.66 -7.19
CA GLN A 198 -10.94 -16.15 -6.41
C GLN A 198 -11.05 -15.45 -5.05
N LEU A 199 -9.94 -15.29 -4.36
CA LEU A 199 -9.94 -14.63 -3.05
C LEU A 199 -10.34 -13.15 -3.16
N ASN A 200 -9.91 -12.47 -4.23
CA ASN A 200 -10.30 -11.07 -4.43
C ASN A 200 -11.82 -11.01 -4.63
N GLN A 201 -12.35 -11.98 -5.37
CA GLN A 201 -13.78 -12.07 -5.62
C GLN A 201 -14.56 -12.30 -4.31
N ASP A 202 -14.06 -13.20 -3.46
CA ASP A 202 -14.72 -13.48 -2.18
C ASP A 202 -14.72 -12.23 -1.29
N PHE A 203 -13.59 -11.52 -1.28
CA PHE A 203 -13.43 -10.28 -0.50
C PHE A 203 -14.50 -9.27 -0.92
N VAL A 204 -14.62 -9.04 -2.22
CA VAL A 204 -15.61 -8.10 -2.76
C VAL A 204 -17.04 -8.54 -2.40
N ASN A 205 -17.37 -9.81 -2.65
CA ASN A 205 -18.71 -10.32 -2.37
C ASN A 205 -19.10 -10.16 -0.91
N THR A 206 -18.18 -10.48 -0.01
CA THR A 206 -18.42 -10.38 1.43
C THR A 206 -18.71 -8.94 1.86
N VAL A 207 -17.87 -8.01 1.43
CA VAL A 207 -18.05 -6.60 1.80
C VAL A 207 -19.38 -6.04 1.24
N ARG A 208 -19.62 -6.29 -0.05
CA ARG A 208 -20.83 -5.81 -0.71
C ARG A 208 -22.11 -6.34 -0.06
N ALA A 209 -22.08 -7.59 0.39
CA ALA A 209 -23.24 -8.22 1.01
C ALA A 209 -23.74 -7.53 2.28
N THR A 210 -22.86 -6.76 2.92
CA THR A 210 -23.25 -6.06 4.14
C THR A 210 -24.07 -4.80 3.85
N GLY A 211 -24.17 -4.44 2.58
CA GLY A 211 -24.94 -3.28 2.17
C GLY A 211 -24.52 -1.94 2.75
N GLY A 212 -25.43 -0.96 2.69
CA GLY A 212 -25.16 0.36 3.23
C GLY A 212 -24.01 1.05 2.53
N LYS A 213 -23.15 1.72 3.29
CA LYS A 213 -22.00 2.41 2.72
C LYS A 213 -20.96 1.42 2.21
N ASN A 214 -21.00 0.19 2.74
CA ASN A 214 -20.08 -0.84 2.30
C ASN A 214 -20.37 -1.26 0.88
N ALA A 215 -21.62 -1.07 0.47
CA ALA A 215 -22.05 -1.43 -0.88
C ALA A 215 -21.46 -0.52 -1.94
N SER A 216 -21.14 0.71 -1.58
CA SER A 216 -20.61 1.67 -2.54
C SER A 216 -19.18 2.17 -2.37
N ARG A 217 -18.49 1.75 -1.31
CA ARG A 217 -17.14 2.24 -1.10
C ARG A 217 -16.13 1.64 -2.09
N TYR A 218 -14.99 2.30 -2.26
CA TYR A 218 -13.95 1.82 -3.15
C TYR A 218 -13.19 0.66 -2.48
N LEU A 219 -12.84 -0.34 -3.27
CA LEU A 219 -12.11 -1.51 -2.78
C LEU A 219 -10.84 -1.68 -3.62
N MET A 220 -9.75 -2.13 -2.99
CA MET A 220 -8.48 -2.33 -3.69
C MET A 220 -8.15 -3.81 -3.80
N CYS A 221 -7.63 -4.20 -4.97
CA CYS A 221 -7.26 -5.59 -5.22
C CYS A 221 -5.91 -5.70 -5.92
N PRO A 222 -4.97 -6.47 -5.35
CA PRO A 222 -3.64 -6.67 -5.91
C PRO A 222 -3.60 -7.97 -6.72
N GLY A 223 -2.55 -8.09 -7.53
CA GLY A 223 -2.32 -9.31 -8.30
C GLY A 223 -1.24 -10.03 -7.52
N TYR A 224 -0.59 -11.02 -8.12
CA TYR A 224 0.47 -11.77 -7.45
C TYR A 224 1.56 -10.86 -6.87
N VAL A 225 1.78 -10.99 -5.55
CA VAL A 225 2.75 -10.20 -4.76
C VAL A 225 2.61 -8.69 -4.97
N ALA A 226 1.43 -8.27 -5.40
CA ALA A 226 1.13 -6.86 -5.69
C ALA A 226 2.13 -6.25 -6.68
N SER A 227 2.73 -7.09 -7.53
CA SER A 227 3.69 -6.57 -8.51
C SER A 227 2.97 -5.98 -9.73
N PRO A 228 3.64 -5.08 -10.47
CA PRO A 228 3.00 -4.49 -11.64
C PRO A 228 2.63 -5.61 -12.63
N ASP A 229 3.54 -6.58 -12.80
CA ASP A 229 3.30 -7.71 -13.71
C ASP A 229 2.16 -8.60 -13.22
N GLY A 230 1.98 -8.68 -11.91
CA GLY A 230 0.89 -9.47 -11.37
C GLY A 230 -0.46 -8.88 -11.74
N ALA A 231 -0.49 -7.57 -11.96
CA ALA A 231 -1.74 -6.89 -12.30
C ALA A 231 -1.95 -6.73 -13.81
N THR A 232 -0.86 -6.69 -14.57
CA THR A 232 -0.97 -6.51 -16.01
C THR A 232 -1.00 -7.78 -16.87
N ASN A 233 -0.59 -8.91 -16.30
CA ASN A 233 -0.59 -10.16 -17.07
C ASN A 233 -2.02 -10.59 -17.44
N ASP A 234 -2.10 -11.44 -18.46
CA ASP A 234 -3.39 -11.92 -18.96
C ASP A 234 -4.23 -12.75 -18.00
N TYR A 235 -3.58 -13.39 -17.03
CA TYR A 235 -4.30 -14.22 -16.06
C TYR A 235 -5.04 -13.43 -14.98
N PHE A 236 -4.65 -12.17 -14.78
CA PHE A 236 -5.30 -11.33 -13.77
C PHE A 236 -6.74 -11.02 -14.17
N ARG A 237 -7.67 -11.23 -13.25
CA ARG A 237 -9.07 -10.96 -13.52
C ARG A 237 -9.68 -10.03 -12.47
N MET A 238 -10.19 -8.90 -12.93
CA MET A 238 -10.81 -7.92 -12.05
C MET A 238 -12.09 -8.55 -11.49
N PRO A 239 -12.37 -8.39 -10.19
CA PRO A 239 -13.57 -8.97 -9.59
C PRO A 239 -14.88 -8.40 -10.13
N ASN A 240 -15.91 -9.23 -10.15
CA ASN A 240 -17.23 -8.83 -10.59
C ASN A 240 -17.87 -8.10 -9.41
N ASP A 241 -18.34 -6.88 -9.63
CA ASP A 241 -18.95 -6.09 -8.57
C ASP A 241 -20.48 -6.15 -8.71
N ILE A 242 -21.19 -5.77 -7.65
CA ILE A 242 -22.65 -5.77 -7.71
C ILE A 242 -23.17 -4.82 -8.77
N SER A 243 -24.33 -5.16 -9.33
CA SER A 243 -24.96 -4.34 -10.35
C SER A 243 -25.27 -2.99 -9.72
N GLY A 244 -25.18 -1.92 -10.49
CA GLY A 244 -25.47 -0.61 -9.93
C GLY A 244 -24.18 0.11 -9.60
N ASN A 245 -23.13 -0.64 -9.31
CA ASN A 245 -21.84 -0.04 -9.02
C ASN A 245 -21.12 0.07 -10.35
N ASN A 246 -20.32 1.12 -10.50
CA ASN A 246 -19.57 1.31 -11.72
C ASN A 246 -18.19 1.82 -11.39
N ASN A 247 -17.18 1.06 -11.78
CA ASN A 247 -15.78 1.43 -11.59
C ASN A 247 -15.40 1.73 -10.13
N LYS A 248 -15.79 0.84 -9.21
CA LYS A 248 -15.48 1.02 -7.79
C LYS A 248 -14.33 0.14 -7.30
N ILE A 249 -13.63 -0.53 -8.21
CA ILE A 249 -12.52 -1.40 -7.86
C ILE A 249 -11.21 -0.77 -8.33
N ILE A 250 -10.28 -0.62 -7.39
CA ILE A 250 -8.97 -0.01 -7.64
C ILE A 250 -7.88 -1.09 -7.66
N VAL A 251 -6.99 -1.04 -8.65
CA VAL A 251 -5.88 -1.98 -8.75
C VAL A 251 -4.76 -1.51 -7.81
N SER A 252 -4.20 -2.45 -7.05
CA SER A 252 -3.13 -2.14 -6.12
C SER A 252 -1.79 -2.70 -6.60
N VAL A 253 -0.76 -1.86 -6.64
CA VAL A 253 0.57 -2.31 -7.03
C VAL A 253 1.61 -1.73 -6.06
N HIS A 254 2.69 -2.46 -5.85
CA HIS A 254 3.78 -2.01 -4.99
C HIS A 254 4.97 -2.02 -5.92
N ALA A 255 5.79 -0.97 -5.90
CA ALA A 255 6.91 -0.96 -6.81
C ALA A 255 8.13 -0.21 -6.34
N TYR A 256 9.06 -0.93 -5.70
CA TYR A 256 10.31 -0.35 -5.23
C TYR A 256 11.28 -0.64 -6.39
N CYS A 257 11.13 0.10 -7.48
CA CYS A 257 11.94 -0.10 -8.68
C CYS A 257 12.85 1.07 -9.04
N PRO A 258 14.14 0.81 -9.37
CA PRO A 258 14.77 -0.51 -9.39
C PRO A 258 15.15 -0.95 -7.98
N TRP A 259 14.96 -2.24 -7.68
CA TRP A 259 15.26 -2.79 -6.35
C TRP A 259 16.68 -2.63 -5.82
N ASN A 260 17.69 -2.81 -6.67
CA ASN A 260 19.07 -2.69 -6.23
C ASN A 260 19.41 -1.33 -5.65
N PHE A 261 18.65 -0.31 -6.06
CA PHE A 261 18.84 1.03 -5.55
C PHE A 261 17.84 1.33 -4.43
N ALA A 262 16.56 1.09 -4.71
CA ALA A 262 15.50 1.35 -3.75
C ALA A 262 15.43 0.52 -2.48
N GLY A 263 15.78 -0.77 -2.54
CA GLY A 263 15.69 -1.58 -1.34
C GLY A 263 16.83 -2.48 -0.93
N LEU A 264 17.66 -2.91 -1.87
CA LEU A 264 18.77 -3.81 -1.55
C LEU A 264 19.90 -3.08 -0.82
N ALA A 265 20.22 -3.53 0.38
CA ALA A 265 21.28 -2.91 1.19
C ALA A 265 22.62 -2.97 0.48
N MET A 266 23.48 -2.01 0.79
CA MET A 266 24.81 -1.96 0.19
C MET A 266 25.57 -3.25 0.48
N ALA A 267 25.49 -3.69 1.73
CA ALA A 267 26.15 -4.92 2.17
C ALA A 267 25.71 -6.15 1.38
N ASP A 268 24.51 -6.08 0.80
CA ASP A 268 23.98 -7.21 0.03
C ASP A 268 24.17 -7.10 -1.47
N GLY A 269 24.96 -6.11 -1.91
CA GLY A 269 25.22 -5.93 -3.32
C GLY A 269 24.43 -4.80 -3.97
N GLY A 270 23.76 -3.98 -3.16
CA GLY A 270 22.98 -2.88 -3.68
C GLY A 270 23.84 -1.70 -4.11
N THR A 271 23.20 -0.70 -4.71
CA THR A 271 23.89 0.50 -5.18
C THR A 271 23.24 1.74 -4.57
N ASN A 272 24.01 2.82 -4.42
CA ASN A 272 23.45 4.04 -3.86
C ASN A 272 23.36 5.12 -4.92
N ALA A 273 23.52 4.73 -6.17
CA ALA A 273 23.48 5.68 -7.27
C ALA A 273 22.34 5.45 -8.27
N TRP A 274 21.75 6.55 -8.71
CA TRP A 274 20.67 6.55 -9.68
C TRP A 274 20.78 7.93 -10.33
N ASN A 275 20.93 7.93 -11.65
CA ASN A 275 21.12 9.15 -12.42
C ASN A 275 19.86 9.59 -13.17
N ILE A 276 19.27 10.70 -12.70
CA ILE A 276 18.06 11.26 -13.29
C ILE A 276 18.26 11.67 -14.75
N ASN A 277 19.52 11.88 -15.14
CA ASN A 277 19.86 12.30 -16.50
C ASN A 277 20.13 11.14 -17.44
N ASP A 278 20.21 9.94 -16.89
CA ASP A 278 20.51 8.75 -17.69
C ASP A 278 19.22 8.04 -18.12
N SER A 279 19.06 7.87 -19.42
CA SER A 279 17.86 7.23 -19.97
C SER A 279 17.60 5.82 -19.42
N LYS A 280 18.65 5.04 -19.20
CA LYS A 280 18.50 3.70 -18.66
C LYS A 280 17.92 3.76 -17.26
N ASP A 281 18.46 4.65 -16.43
CA ASP A 281 17.98 4.80 -15.05
C ASP A 281 16.55 5.31 -15.05
N GLN A 282 16.24 6.20 -15.98
CA GLN A 282 14.88 6.75 -16.11
C GLN A 282 13.92 5.61 -16.44
N SER A 283 14.33 4.75 -17.36
CA SER A 283 13.51 3.61 -17.79
C SER A 283 13.18 2.64 -16.66
N GLU A 284 14.10 2.49 -15.69
CA GLU A 284 13.90 1.61 -14.56
C GLU A 284 12.68 2.02 -13.73
N VAL A 285 12.31 3.30 -13.85
CA VAL A 285 11.16 3.85 -13.14
C VAL A 285 9.90 3.88 -14.00
N THR A 286 10.03 4.29 -15.24
CA THR A 286 8.87 4.42 -16.13
C THR A 286 8.32 3.15 -16.82
N TRP A 287 9.13 2.12 -16.99
CA TRP A 287 8.66 0.91 -17.68
C TRP A 287 7.35 0.37 -17.13
N PHE A 288 7.29 0.15 -15.82
CA PHE A 288 6.07 -0.40 -15.23
C PHE A 288 4.92 0.61 -15.23
N MET A 289 5.26 1.89 -15.15
CA MET A 289 4.23 2.94 -15.16
C MET A 289 3.54 2.99 -16.52
N ASP A 290 4.32 2.79 -17.58
CA ASP A 290 3.75 2.79 -18.93
C ASP A 290 2.81 1.59 -19.10
N ASN A 291 3.20 0.45 -18.55
CA ASN A 291 2.36 -0.75 -18.60
C ASN A 291 1.04 -0.46 -17.90
N ILE A 292 1.13 0.16 -16.73
CA ILE A 292 -0.05 0.50 -15.96
C ILE A 292 -0.93 1.51 -16.69
N TYR A 293 -0.31 2.51 -17.31
CA TYR A 293 -1.05 3.52 -18.05
C TYR A 293 -1.83 2.90 -19.22
N ASN A 294 -1.13 2.12 -20.02
CA ASN A 294 -1.72 1.47 -21.18
C ASN A 294 -2.83 0.50 -20.85
N LYS A 295 -2.63 -0.28 -19.79
CA LYS A 295 -3.61 -1.28 -19.40
C LYS A 295 -4.78 -0.75 -18.57
N TYR A 296 -4.52 0.25 -17.74
CA TYR A 296 -5.58 0.76 -16.87
C TYR A 296 -5.93 2.23 -16.85
N THR A 297 -5.02 3.08 -16.39
CA THR A 297 -5.34 4.50 -16.26
C THR A 297 -5.74 5.25 -17.52
N SER A 298 -5.15 4.90 -18.66
CA SER A 298 -5.51 5.54 -19.92
C SER A 298 -6.98 5.24 -20.26
N ARG A 299 -7.47 4.13 -19.72
CA ARG A 299 -8.83 3.67 -19.93
C ARG A 299 -9.76 4.07 -18.78
N GLY A 300 -9.25 4.86 -17.84
CA GLY A 300 -10.10 5.29 -16.74
C GLY A 300 -10.32 4.36 -15.56
N ILE A 301 -9.47 3.34 -15.42
CA ILE A 301 -9.57 2.40 -14.29
C ILE A 301 -8.49 2.84 -13.31
N PRO A 302 -8.89 3.19 -12.07
CA PRO A 302 -7.93 3.65 -11.06
C PRO A 302 -6.90 2.63 -10.58
N VAL A 303 -5.68 3.13 -10.36
CA VAL A 303 -4.56 2.32 -9.86
C VAL A 303 -3.83 3.13 -8.78
N ILE A 304 -3.43 2.45 -7.71
CA ILE A 304 -2.72 3.10 -6.61
C ILE A 304 -1.43 2.34 -6.33
N ILE A 305 -0.30 3.04 -6.30
CA ILE A 305 0.98 2.44 -5.94
C ILE A 305 0.95 2.59 -4.41
N GLY A 306 0.48 1.53 -3.73
CA GLY A 306 0.36 1.55 -2.28
C GLY A 306 1.63 1.57 -1.49
N GLU A 307 2.76 1.24 -2.13
CA GLU A 307 4.05 1.24 -1.46
C GLU A 307 5.17 1.61 -2.44
N CYS A 308 6.00 2.56 -2.03
CA CYS A 308 7.16 2.99 -2.80
C CYS A 308 8.13 3.67 -1.83
N GLY A 309 9.36 3.91 -2.28
CA GLY A 309 10.35 4.55 -1.43
C GLY A 309 11.75 4.06 -1.74
N ALA A 310 12.73 4.66 -1.08
CA ALA A 310 14.13 4.29 -1.25
C ALA A 310 14.80 4.33 0.12
N VAL A 311 15.52 3.26 0.43
CA VAL A 311 16.21 3.13 1.70
C VAL A 311 17.38 4.11 1.84
N ASP A 312 17.61 4.59 3.05
CA ASP A 312 18.71 5.53 3.31
C ASP A 312 20.08 4.88 3.12
N LYS A 313 20.87 5.44 2.21
CA LYS A 313 22.22 4.96 1.93
C LYS A 313 23.15 6.16 1.97
N ASN A 314 22.84 7.11 2.86
CA ASN A 314 23.60 8.36 2.99
C ASN A 314 23.73 9.00 1.62
N ASN A 315 22.59 9.12 0.93
CA ASN A 315 22.54 9.66 -0.42
C ASN A 315 21.32 10.55 -0.60
N LEU A 316 21.26 11.59 0.23
CA LEU A 316 20.15 12.54 0.23
C LEU A 316 19.78 13.07 -1.15
N LYS A 317 20.73 13.72 -1.82
CA LYS A 317 20.46 14.30 -3.14
C LYS A 317 19.88 13.31 -4.12
N THR A 318 20.50 12.14 -4.23
CA THR A 318 20.03 11.11 -5.16
C THR A 318 18.61 10.66 -4.80
N ARG A 319 18.32 10.54 -3.51
CA ARG A 319 16.97 10.14 -3.09
C ARG A 319 15.94 11.23 -3.34
N VAL A 320 16.33 12.50 -3.21
CA VAL A 320 15.40 13.60 -3.46
C VAL A 320 15.04 13.57 -4.96
N GLU A 321 16.05 13.41 -5.80
CA GLU A 321 15.86 13.37 -7.26
C GLU A 321 15.02 12.17 -7.68
N TYR A 322 15.33 10.99 -7.13
CA TYR A 322 14.60 9.77 -7.45
C TYR A 322 13.13 9.86 -7.03
N MET A 323 12.84 10.24 -5.79
CA MET A 323 11.45 10.33 -5.34
C MET A 323 10.64 11.39 -6.10
N SER A 324 11.28 12.52 -6.41
CA SER A 324 10.61 13.60 -7.15
C SER A 324 10.20 13.13 -8.54
N TYR A 325 11.14 12.48 -9.24
CA TYR A 325 10.92 11.96 -10.58
C TYR A 325 9.84 10.86 -10.56
N TYR A 326 9.93 9.96 -9.58
CA TYR A 326 9.00 8.87 -9.42
C TYR A 326 7.56 9.40 -9.29
N VAL A 327 7.35 10.34 -8.37
CA VAL A 327 6.03 10.91 -8.15
C VAL A 327 5.51 11.70 -9.37
N ALA A 328 6.39 12.49 -9.99
CA ALA A 328 6.01 13.27 -11.16
C ALA A 328 5.57 12.36 -12.32
N GLN A 329 6.33 11.30 -12.57
CA GLN A 329 6.00 10.36 -13.65
C GLN A 329 4.68 9.63 -13.36
N ALA A 330 4.43 9.31 -12.10
CA ALA A 330 3.18 8.64 -11.74
C ALA A 330 2.00 9.60 -11.93
N LYS A 331 2.16 10.85 -11.48
CA LYS A 331 1.11 11.85 -11.60
C LYS A 331 0.71 12.08 -13.06
N ALA A 332 1.70 12.11 -13.94
CA ALA A 332 1.46 12.32 -15.37
C ALA A 332 0.58 11.21 -15.96
N ARG A 333 0.54 10.06 -15.30
CA ARG A 333 -0.26 8.92 -15.76
C ARG A 333 -1.47 8.67 -14.86
N GLY A 334 -1.81 9.66 -14.04
CA GLY A 334 -2.96 9.58 -13.15
C GLY A 334 -2.86 8.60 -11.99
N ILE A 335 -1.64 8.21 -11.64
CA ILE A 335 -1.41 7.24 -10.57
C ILE A 335 -1.01 7.86 -9.22
N LEU A 336 -1.64 7.41 -8.14
CA LEU A 336 -1.33 7.89 -6.79
C LEU A 336 -0.14 7.12 -6.22
N CYS A 337 0.67 7.78 -5.40
CA CYS A 337 1.83 7.17 -4.75
C CYS A 337 1.66 7.23 -3.22
N ILE A 338 2.03 6.15 -2.54
CA ILE A 338 1.95 6.10 -1.06
C ILE A 338 3.32 5.65 -0.56
N LEU A 339 3.97 6.52 0.20
CA LEU A 339 5.31 6.29 0.75
C LEU A 339 5.29 5.24 1.86
N TRP A 340 6.27 4.32 1.84
CA TRP A 340 6.36 3.33 2.92
C TRP A 340 7.30 3.95 3.96
N ASP A 341 6.83 4.06 5.20
CA ASP A 341 7.61 4.64 6.27
C ASP A 341 7.54 3.69 7.47
N ASN A 342 8.67 3.09 7.83
CA ASN A 342 8.70 2.15 8.94
C ASN A 342 9.29 2.66 10.26
N ASN A 343 9.57 3.97 10.32
CA ASN A 343 10.11 4.61 11.53
C ASN A 343 11.48 4.06 11.96
N ASN A 344 12.19 3.42 11.03
CA ASN A 344 13.50 2.84 11.33
C ASN A 344 14.67 3.77 11.01
N PHE A 345 15.33 4.26 12.07
CA PHE A 345 16.50 5.13 11.94
C PHE A 345 17.66 4.53 12.74
N SER A 346 17.63 3.22 12.96
CA SER A 346 18.67 2.55 13.74
C SER A 346 19.97 2.21 13.02
N GLY A 347 20.07 2.54 11.74
CA GLY A 347 21.28 2.24 11.00
C GLY A 347 21.41 0.77 10.65
N THR A 348 20.40 -0.02 10.99
CA THR A 348 20.40 -1.44 10.71
C THR A 348 19.04 -1.84 10.16
N GLY A 349 19.01 -2.88 9.33
CA GLY A 349 17.76 -3.33 8.74
C GLY A 349 17.37 -2.44 7.56
N GLU A 350 16.08 -2.41 7.25
CA GLU A 350 15.60 -1.59 6.13
C GLU A 350 15.32 -0.17 6.61
N LEU A 351 16.19 0.76 6.24
CA LEU A 351 16.05 2.16 6.64
C LEU A 351 15.01 2.93 5.82
N PHE A 352 13.74 2.67 6.09
CA PHE A 352 12.64 3.35 5.41
C PHE A 352 12.02 4.35 6.39
N GLY A 353 12.84 4.88 7.28
CA GLY A 353 12.33 5.85 8.23
C GLY A 353 12.41 7.24 7.62
N PHE A 354 11.30 7.98 7.67
CA PHE A 354 11.25 9.34 7.15
C PHE A 354 10.68 10.26 8.22
N PHE A 355 9.51 9.93 8.75
CA PHE A 355 8.86 10.74 9.78
C PHE A 355 9.31 10.24 11.15
N ASP A 356 10.02 11.09 11.90
CA ASP A 356 10.47 10.72 13.24
C ASP A 356 9.27 10.87 14.16
N ARG A 357 8.62 9.75 14.44
CA ARG A 357 7.43 9.73 15.30
C ARG A 357 7.68 10.22 16.72
N ARG A 358 8.93 10.14 17.14
CA ARG A 358 9.35 10.58 18.47
C ARG A 358 9.21 12.10 18.62
N SER A 359 9.75 12.85 17.66
CA SER A 359 9.71 14.31 17.69
C SER A 359 8.64 14.94 16.81
N CYS A 360 7.86 14.10 16.13
CA CYS A 360 6.80 14.55 15.23
C CYS A 360 7.27 15.46 14.10
N GLN A 361 8.39 15.10 13.47
CA GLN A 361 8.89 15.87 12.35
C GLN A 361 9.68 14.97 11.41
N PHE A 362 9.72 15.35 10.14
CA PHE A 362 10.43 14.59 9.13
C PHE A 362 11.94 14.77 9.18
N LYS A 363 12.67 13.67 9.09
CA LYS A 363 14.13 13.67 9.14
C LYS A 363 14.81 14.01 7.81
N PHE A 364 14.15 13.72 6.70
CA PHE A 364 14.71 14.02 5.37
C PHE A 364 13.62 14.81 4.68
N PRO A 365 13.32 16.03 5.19
CA PRO A 365 12.28 16.89 4.62
C PRO A 365 12.35 17.21 3.13
N GLU A 366 13.56 17.32 2.57
CA GLU A 366 13.71 17.64 1.16
C GLU A 366 13.06 16.56 0.27
N ILE A 367 13.18 15.30 0.69
CA ILE A 367 12.59 14.20 -0.07
C ILE A 367 11.08 14.35 -0.10
N ILE A 368 10.48 14.56 1.08
CA ILE A 368 9.03 14.69 1.15
C ILE A 368 8.48 15.97 0.50
N ASP A 369 9.25 17.06 0.55
CA ASP A 369 8.81 18.30 -0.08
C ASP A 369 8.82 18.15 -1.60
N GLY A 370 9.77 17.36 -2.10
CA GLY A 370 9.85 17.09 -3.53
C GLY A 370 8.65 16.28 -3.96
N MET A 371 8.23 15.32 -3.12
CA MET A 371 7.07 14.49 -3.41
C MET A 371 5.78 15.32 -3.43
N VAL A 372 5.61 16.18 -2.42
CA VAL A 372 4.42 17.03 -2.35
C VAL A 372 4.34 17.97 -3.55
N LYS A 373 5.50 18.50 -3.94
CA LYS A 373 5.58 19.43 -5.06
C LYS A 373 5.07 18.80 -6.37
N TYR A 374 5.38 17.53 -6.58
CA TYR A 374 4.98 16.85 -7.80
C TYR A 374 3.75 15.96 -7.75
N ALA A 375 3.09 15.91 -6.59
CA ALA A 375 1.87 15.12 -6.45
C ALA A 375 0.71 15.86 -7.08
N PHE A 376 -0.50 15.31 -6.98
CA PHE A 376 -1.69 15.94 -7.56
C PHE A 376 -1.95 17.29 -6.91
N GLY A 377 -2.43 18.24 -7.71
CA GLY A 377 -2.71 19.56 -7.19
C GLY A 377 -4.04 19.55 -6.47
N LEU A 378 -4.31 20.61 -5.72
CA LEU A 378 -5.56 20.72 -4.97
C LEU A 378 -6.35 21.90 -5.54
N ILE A 379 -7.58 21.65 -5.95
CA ILE A 379 -8.41 22.73 -6.45
C ILE A 379 -9.22 23.18 -5.24
N ASN A 380 -8.65 24.15 -4.53
CA ASN A 380 -9.22 24.77 -3.35
C ASN A 380 -9.07 24.00 -2.05
#